data_9BX7
#
_entry.id   9BX7
#
_cell.length_a   106.146
_cell.length_b   106.146
_cell.length_c   71.485
_cell.angle_alpha   90.000
_cell.angle_beta   90.000
_cell.angle_gamma   120.000
#
_symmetry.space_group_name_H-M   'P 65'
#
loop_
_entity.id
_entity.type
_entity.pdbx_description
1 polymer '8C1 Fab Heavy Chain'
2 polymer '8C1 Fab Light Chain'
3 polymer 'P20 peptide from Outer surface protein C'
4 non-polymer 'SULFATE ION'
5 non-polymer 1,2-ETHANEDIOL
6 non-polymer 'CHLORIDE ION'
7 water water
#
loop_
_entity_poly.entity_id
_entity_poly.type
_entity_poly.pdbx_seq_one_letter_code
_entity_poly.pdbx_strand_id
1 'polypeptide(L)'
;EVQLQQSGPELVKPGASVKISCKTSGYTFSNSWMNWVKQRPGQGLEWIGRIYPGDGDTNYNGKFKDKATLTTDKSSSTAY
MRLSSLTSVDSAVYFCARSLFDYWGQGTTLTVSSASTKGPSVFPLAPSSKSTSGGTAALGCLVKDYFPEPVTVSWNSGAL
TSGVHTFPAVLQSSGLYSLSSVVTVPSSSLGTQTYICNVNHKPSNTKVDKRVEPKSCDKTH
;
H
2 'polypeptide(L)'
;DVVMTQTPLTLSVTIGQPASISCKSSQSLLDSDGKTYLIWLLQRPGQSPKRLIYLVSKLDSGVPDRFTGSGSGTDFTLKI
SRVEAEDLGVYYCCQGTHFPFTFGVGTKLELKRTVAAPSVFIFPPSDEQLKSGTASVVCLLNNFYPREAKVQWKVDNALQ
SGNSQESVTEQDSKDSTYSLSSTLTLSKADYEKHKVYACEVTHQGLSSPVTKSFNRGEC
;
L
3 'polypeptide(L)' SETFTNKLKEKHTDLGKEGV P
#
loop_
_chem_comp.id
_chem_comp.type
_chem_comp.name
_chem_comp.formula
CL non-polymer 'CHLORIDE ION' 'Cl -1'
EDO non-polymer 1,2-ETHANEDIOL 'C2 H6 O2'
SO4 non-polymer 'SULFATE ION' 'O4 S -2'
#
# COMPACT_ATOMS: atom_id res chain seq x y z
N GLU A 1 14.37 18.42 -7.29
CA GLU A 1 13.44 17.38 -7.82
C GLU A 1 11.99 17.83 -7.68
N VAL A 2 11.14 17.28 -8.55
CA VAL A 2 9.71 17.56 -8.46
C VAL A 2 9.14 16.87 -7.24
N GLN A 3 8.40 17.61 -6.42
CA GLN A 3 7.76 17.09 -5.22
C GLN A 3 6.29 17.48 -5.22
N LEU A 4 5.42 16.51 -4.95
CA LEU A 4 3.99 16.72 -4.75
C LEU A 4 3.65 16.19 -3.37
N GLN A 5 3.27 17.08 -2.45
CA GLN A 5 3.04 16.74 -1.04
C GLN A 5 1.57 17.00 -0.72
N GLN A 6 0.82 15.94 -0.47
CA GLN A 6 -0.61 16.08 -0.24
C GLN A 6 -0.92 16.24 1.25
N SER A 7 -2.10 16.80 1.52
CA SER A 7 -2.60 16.94 2.88
C SER A 7 -2.96 15.56 3.47
N GLY A 8 -3.17 15.54 4.79
CA GLY A 8 -3.29 14.29 5.50
C GLY A 8 -4.67 13.67 5.40
N PRO A 9 -4.81 12.51 6.03
CA PRO A 9 -6.07 11.74 5.92
C PRO A 9 -7.23 12.48 6.54
N GLU A 10 -8.43 12.14 6.06
CA GLU A 10 -9.66 12.82 6.42
C GLU A 10 -10.75 11.80 6.75
N LEU A 11 -11.48 12.05 7.83
CA LEU A 11 -12.72 11.35 8.16
C LEU A 11 -13.83 12.38 8.14
N VAL A 12 -14.85 12.16 7.30
CA VAL A 12 -15.93 13.13 7.15
C VAL A 12 -17.26 12.41 7.11
N LYS A 13 -18.31 13.11 7.54
CA LYS A 13 -19.64 12.51 7.63
C LYS A 13 -20.31 12.50 6.26
N PRO A 14 -21.20 11.55 6.02
CA PRO A 14 -21.98 11.59 4.77
C PRO A 14 -22.67 12.94 4.60
N GLY A 15 -22.70 13.42 3.37
CA GLY A 15 -23.32 14.69 3.04
C GLY A 15 -22.41 15.90 3.17
N ALA A 16 -21.23 15.74 3.78
CA ALA A 16 -20.33 16.85 4.00
C ALA A 16 -19.44 17.05 2.78
N SER A 17 -18.56 18.04 2.88
CA SER A 17 -17.58 18.32 1.86
C SER A 17 -16.20 18.31 2.50
N VAL A 18 -15.17 18.11 1.66
CA VAL A 18 -13.79 18.14 2.12
C VAL A 18 -12.94 18.72 1.01
N LYS A 19 -11.85 19.38 1.40
CA LYS A 19 -10.90 19.98 0.47
C LYS A 19 -9.52 19.41 0.75
N ILE A 20 -8.93 18.77 -0.25
CA ILE A 20 -7.60 18.17 -0.17
C ILE A 20 -6.62 19.05 -0.92
N SER A 21 -5.38 19.13 -0.42
CA SER A 21 -4.39 19.99 -1.02
C SER A 21 -3.21 19.18 -1.54
N CYS A 22 -2.48 19.77 -2.48
CA CYS A 22 -1.31 19.15 -3.12
C CYS A 22 -0.29 20.28 -3.29
N LYS A 23 0.69 20.33 -2.40
CA LYS A 23 1.70 21.39 -2.42
C LYS A 23 2.88 20.94 -3.28
N THR A 24 3.28 21.77 -4.23
CA THR A 24 4.30 21.38 -5.19
C THR A 24 5.59 22.17 -4.98
N SER A 25 6.69 21.57 -5.41
CA SER A 25 7.97 22.27 -5.45
C SER A 25 8.86 21.60 -6.49
N GLY A 26 9.90 22.31 -6.90
CA GLY A 26 10.90 21.79 -7.81
C GLY A 26 10.66 22.07 -9.28
N TYR A 27 9.62 22.83 -9.62
CA TYR A 27 9.34 23.22 -10.99
C TYR A 27 8.40 24.42 -10.97
N THR A 28 8.29 25.08 -12.11
CA THR A 28 7.42 26.25 -12.24
C THR A 28 5.97 25.78 -12.26
N PHE A 29 5.28 25.97 -11.14
CA PHE A 29 3.94 25.43 -10.93
C PHE A 29 2.97 25.81 -12.03
N SER A 30 3.13 27.02 -12.61
CA SER A 30 2.17 27.51 -13.58
C SER A 30 2.24 26.81 -14.93
N ASN A 31 3.31 26.07 -15.21
CA ASN A 31 3.51 25.55 -16.55
C ASN A 31 3.22 24.07 -16.69
N SER A 32 2.57 23.44 -15.72
CA SER A 32 2.26 22.03 -15.78
C SER A 32 0.82 21.77 -15.35
N TRP A 33 0.09 21.02 -16.16
CA TRP A 33 -1.21 20.52 -15.74
C TRP A 33 -1.10 19.75 -14.42
N MET A 34 -2.14 19.83 -13.61
CA MET A 34 -2.25 19.01 -12.40
C MET A 34 -3.52 18.20 -12.49
N ASN A 35 -3.38 16.86 -12.40
CA ASN A 35 -4.52 15.95 -12.41
C ASN A 35 -4.84 15.50 -10.99
N TRP A 36 -6.08 15.04 -10.81
CA TRP A 36 -6.49 14.34 -9.60
C TRP A 36 -7.04 12.98 -9.99
N VAL A 37 -6.71 11.97 -9.19
CA VAL A 37 -7.03 10.59 -9.49
C VAL A 37 -7.58 9.93 -8.23
N LYS A 38 -8.62 9.13 -8.41
CA LYS A 38 -9.25 8.36 -7.34
C LYS A 38 -8.86 6.90 -7.45
N GLN A 39 -8.55 6.28 -6.31
CA GLN A 39 -8.25 4.85 -6.29
C GLN A 39 -9.10 4.18 -5.24
N ARG A 40 -9.94 3.25 -5.67
CA ARG A 40 -10.85 2.51 -4.80
C ARG A 40 -10.79 1.06 -5.23
N PRO A 41 -10.96 0.12 -4.28
N PRO A 41 -10.63 0.12 -4.29
CA PRO A 41 -10.55 -1.26 -4.54
CA PRO A 41 -10.67 -1.29 -4.66
C PRO A 41 -10.83 -1.93 -5.85
C PRO A 41 -11.97 -1.51 -5.38
N GLY A 42 -11.92 -2.14 -6.50
CA GLY A 42 -13.32 -2.21 -7.02
C GLY A 42 -13.50 -1.34 -8.25
N GLN A 43 -13.17 -0.06 -8.10
CA GLN A 43 -13.25 0.90 -9.17
C GLN A 43 -11.92 1.13 -9.89
N GLY A 44 -10.80 0.69 -9.33
CA GLY A 44 -9.51 0.93 -9.95
C GLY A 44 -9.09 2.39 -9.83
N LEU A 45 -8.23 2.81 -10.76
CA LEU A 45 -7.80 4.21 -10.87
C LEU A 45 -8.76 4.95 -11.79
N GLU A 46 -9.27 6.09 -11.34
CA GLU A 46 -10.21 6.91 -12.08
C GLU A 46 -9.70 8.34 -12.14
N TRP A 47 -9.72 8.93 -13.33
CA TRP A 47 -9.29 10.31 -13.49
C TRP A 47 -10.44 11.25 -13.17
N ILE A 48 -10.23 12.17 -12.24
CA ILE A 48 -11.28 13.08 -11.82
C ILE A 48 -11.33 14.31 -12.72
N GLY A 49 -10.17 14.85 -13.03
CA GLY A 49 -10.08 16.05 -13.83
C GLY A 49 -8.69 16.64 -13.70
N ARG A 50 -8.49 17.75 -14.39
CA ARG A 50 -7.21 18.44 -14.33
C ARG A 50 -7.42 19.94 -14.40
N ILE A 51 -6.39 20.67 -13.97
CA ILE A 51 -6.39 22.14 -14.01
C ILE A 51 -5.02 22.60 -14.48
N TYR A 52 -5.01 23.64 -15.32
CA TYR A 52 -3.77 24.28 -15.74
C TYR A 52 -3.55 25.51 -14.88
N PRO A 53 -2.58 25.51 -13.96
CA PRO A 53 -2.50 26.63 -13.01
C PRO A 53 -2.21 27.96 -13.67
N GLY A 54 -1.64 27.96 -14.87
CA GLY A 54 -1.29 29.22 -15.51
C GLY A 54 -2.49 30.08 -15.85
N ASP A 55 -3.64 29.47 -16.13
CA ASP A 55 -4.82 30.25 -16.47
C ASP A 55 -6.11 29.68 -15.88
N GLY A 56 -6.02 28.66 -15.02
CA GLY A 56 -7.19 28.10 -14.38
C GLY A 56 -8.08 27.25 -15.26
N ASP A 57 -7.64 26.93 -16.48
CA ASP A 57 -8.39 26.04 -17.36
C ASP A 57 -8.60 24.70 -16.66
N THR A 58 -9.82 24.19 -16.71
CA THR A 58 -10.13 22.91 -16.10
C THR A 58 -10.82 21.98 -17.10
N ASN A 59 -10.50 20.69 -16.99
CA ASN A 59 -11.22 19.62 -17.67
C ASN A 59 -11.69 18.65 -16.60
N TYR A 60 -12.98 18.31 -16.63
CA TYR A 60 -13.52 17.37 -15.66
C TYR A 60 -14.02 16.11 -16.36
N ASN A 61 -13.83 14.98 -15.70
CA ASN A 61 -14.57 13.76 -16.00
C ASN A 61 -16.04 13.97 -15.69
N GLY A 62 -16.91 13.74 -16.67
CA GLY A 62 -18.33 13.94 -16.45
C GLY A 62 -18.86 13.20 -15.24
N LYS A 63 -18.22 12.08 -14.89
CA LYS A 63 -18.65 11.32 -13.72
C LYS A 63 -18.47 12.10 -12.42
N PHE A 64 -17.50 13.02 -12.38
CA PHE A 64 -17.18 13.76 -11.16
C PHE A 64 -17.52 15.24 -11.26
N LYS A 65 -18.22 15.65 -12.33
CA LYS A 65 -18.46 17.08 -12.55
C LYS A 65 -19.29 17.70 -11.43
N ASP A 66 -20.27 16.98 -10.90
CA ASP A 66 -21.12 17.49 -9.84
C ASP A 66 -20.55 17.23 -8.45
N LYS A 67 -19.37 16.63 -8.37
CA LYS A 67 -18.76 16.21 -7.11
C LYS A 67 -17.49 16.98 -6.80
N ALA A 68 -16.69 17.32 -7.80
CA ALA A 68 -15.35 17.83 -7.59
C ALA A 68 -15.21 19.24 -8.14
N THR A 69 -14.43 20.06 -7.44
CA THR A 69 -14.06 21.39 -7.91
C THR A 69 -12.56 21.57 -7.73
N LEU A 70 -11.85 21.91 -8.80
CA LEU A 70 -10.41 22.04 -8.78
C LEU A 70 -10.03 23.52 -8.80
N THR A 71 -9.12 23.93 -7.91
CA THR A 71 -8.61 25.28 -7.85
C THR A 71 -7.10 25.22 -7.61
N THR A 72 -6.45 26.37 -7.75
CA THR A 72 -5.03 26.47 -7.46
C THR A 72 -4.76 27.77 -6.73
N ASP A 73 -3.69 27.79 -5.95
CA ASP A 73 -3.15 28.99 -5.32
C ASP A 73 -1.73 29.13 -5.86
N LYS A 74 -1.55 30.00 -6.86
CA LYS A 74 -0.24 30.20 -7.44
C LYS A 74 0.76 30.71 -6.40
N SER A 75 0.29 31.48 -5.42
CA SER A 75 1.20 32.09 -4.46
C SER A 75 1.89 31.04 -3.59
N SER A 76 1.25 29.89 -3.36
CA SER A 76 1.83 28.82 -2.57
C SER A 76 2.13 27.58 -3.41
N SER A 77 1.99 27.67 -4.74
CA SER A 77 2.23 26.54 -5.62
C SER A 77 1.45 25.31 -5.16
N THR A 78 0.19 25.52 -4.80
CA THR A 78 -0.65 24.46 -4.27
C THR A 78 -1.90 24.28 -5.12
N ALA A 79 -2.25 23.02 -5.38
CA ALA A 79 -3.49 22.65 -6.04
C ALA A 79 -4.45 22.05 -5.02
N TYR A 80 -5.73 22.31 -5.21
CA TYR A 80 -6.77 21.87 -4.29
C TYR A 80 -7.87 21.14 -5.03
N MET A 81 -8.49 20.18 -4.36
CA MET A 81 -9.69 19.55 -4.88
C MET A 81 -10.71 19.47 -3.75
N ARG A 82 -11.87 20.07 -3.99
CA ARG A 82 -13.01 19.97 -3.07
C ARG A 82 -13.97 18.91 -3.58
N LEU A 83 -14.35 17.99 -2.70
CA LEU A 83 -15.37 16.99 -2.96
C LEU A 83 -16.56 17.26 -2.06
N SER A 84 -17.76 17.29 -2.64
CA SER A 84 -18.96 17.67 -1.92
C SER A 84 -20.00 16.57 -2.00
N SER A 85 -21.04 16.72 -1.16
CA SER A 85 -22.15 15.77 -1.10
C SER A 85 -21.62 14.34 -0.94
N LEU A 86 -20.73 14.17 0.02
CA LEU A 86 -19.97 12.92 0.12
C LEU A 86 -20.85 11.76 0.56
N THR A 87 -20.63 10.60 -0.07
CA THR A 87 -21.24 9.35 0.33
C THR A 87 -20.16 8.27 0.48
N SER A 88 -20.56 7.08 0.92
CA SER A 88 -19.57 6.05 1.19
C SER A 88 -18.80 5.66 -0.08
N VAL A 89 -19.40 5.84 -1.26
CA VAL A 89 -18.69 5.51 -2.49
C VAL A 89 -17.52 6.44 -2.73
N ASP A 90 -17.47 7.58 -2.05
CA ASP A 90 -16.35 8.50 -2.17
C ASP A 90 -15.17 8.14 -1.27
N SER A 91 -15.33 7.16 -0.37
CA SER A 91 -14.21 6.69 0.41
C SER A 91 -13.16 6.07 -0.51
N ALA A 92 -11.94 6.59 -0.46
CA ALA A 92 -10.91 6.13 -1.40
C ALA A 92 -9.59 6.80 -1.03
N VAL A 93 -8.56 6.45 -1.79
CA VAL A 93 -7.30 7.21 -1.78
C VAL A 93 -7.33 8.13 -2.99
N TYR A 94 -7.04 9.40 -2.78
CA TYR A 94 -6.99 10.38 -3.85
C TYR A 94 -5.54 10.81 -4.06
N PHE A 95 -5.14 10.87 -5.33
CA PHE A 95 -3.81 11.28 -5.70
C PHE A 95 -3.88 12.53 -6.56
N CYS A 96 -2.95 13.46 -6.34
N CYS A 96 -2.89 13.37 -6.42
CA CYS A 96 -2.63 14.46 -7.35
CA CYS A 96 -2.64 14.46 -7.34
C CYS A 96 -1.52 13.90 -8.23
C CYS A 96 -1.45 14.02 -8.19
N ALA A 97 -1.51 14.28 -9.49
CA ALA A 97 -0.52 13.76 -10.43
C ALA A 97 -0.29 14.81 -11.50
N ARG A 98 0.98 15.10 -11.79
CA ARG A 98 1.34 16.18 -12.71
C ARG A 98 1.34 15.71 -14.16
N SER A 99 0.95 16.64 -15.05
CA SER A 99 1.16 16.53 -16.51
C SER A 99 0.63 15.20 -17.02
N LEU A 100 1.39 14.45 -17.82
CA LEU A 100 0.93 13.14 -18.31
C LEU A 100 1.28 12.09 -17.26
N PHE A 101 0.74 12.33 -16.06
CA PHE A 101 0.92 11.46 -14.89
C PHE A 101 2.38 11.12 -14.66
N ASP A 102 3.25 12.14 -14.75
CA ASP A 102 4.69 11.86 -14.66
C ASP A 102 5.23 11.91 -13.23
N TYR A 103 4.62 12.68 -12.33
CA TYR A 103 4.97 12.70 -10.90
C TYR A 103 3.69 12.65 -10.10
N TRP A 104 3.69 11.87 -9.01
CA TRP A 104 2.50 11.64 -8.21
C TRP A 104 2.72 12.07 -6.77
N GLY A 105 1.67 12.58 -6.14
CA GLY A 105 1.67 12.77 -4.70
C GLY A 105 1.62 11.43 -3.98
N GLN A 106 1.71 11.48 -2.65
CA GLN A 106 1.75 10.26 -1.86
C GLN A 106 0.37 9.69 -1.58
N GLY A 107 -0.69 10.42 -1.94
CA GLY A 107 -2.06 10.01 -1.72
C GLY A 107 -2.62 10.57 -0.44
N THR A 108 -3.94 10.76 -0.44
CA THR A 108 -4.70 11.19 0.72
C THR A 108 -5.84 10.21 0.92
N THR A 109 -5.93 9.59 2.08
CA THR A 109 -6.99 8.64 2.37
C THR A 109 -8.20 9.39 2.92
N LEU A 110 -9.35 9.21 2.26
CA LEU A 110 -10.61 9.81 2.68
C LEU A 110 -11.57 8.71 3.08
N THR A 111 -12.10 8.79 4.30
CA THR A 111 -13.14 7.88 4.74
C THR A 111 -14.41 8.67 5.01
N VAL A 112 -15.51 8.24 4.39
CA VAL A 112 -16.82 8.87 4.57
C VAL A 112 -17.66 7.95 5.45
N SER A 113 -17.96 8.41 6.65
CA SER A 113 -18.58 7.57 7.66
C SER A 113 -19.17 8.44 8.76
N SER A 114 -20.20 7.92 9.42
CA SER A 114 -20.77 8.57 10.58
C SER A 114 -19.98 8.30 11.86
N ALA A 115 -19.02 7.37 11.81
CA ALA A 115 -18.28 6.98 13.00
C ALA A 115 -17.33 8.10 13.44
N SER A 116 -16.98 8.08 14.73
CA SER A 116 -15.95 8.93 15.28
C SER A 116 -14.58 8.26 15.13
N THR A 117 -13.53 9.07 15.20
CA THR A 117 -12.19 8.50 15.19
C THR A 117 -11.96 7.70 16.47
N LYS A 118 -11.14 6.65 16.34
CA LYS A 118 -10.71 5.87 17.48
C LYS A 118 -9.23 5.57 17.29
N GLY A 119 -8.41 6.00 18.25
CA GLY A 119 -6.98 5.78 18.16
C GLY A 119 -6.62 4.35 18.49
N PRO A 120 -5.50 3.88 17.95
CA PRO A 120 -5.08 2.50 18.19
C PRO A 120 -4.52 2.29 19.58
N SER A 121 -4.66 1.07 20.07
CA SER A 121 -3.87 0.58 21.19
C SER A 121 -2.60 -0.05 20.62
N VAL A 122 -1.45 0.38 21.12
CA VAL A 122 -0.16 -0.07 20.64
C VAL A 122 0.47 -0.91 21.74
N PHE A 123 0.75 -2.17 21.43
CA PHE A 123 1.28 -3.12 22.40
C PHE A 123 2.57 -3.74 21.86
N PRO A 124 3.57 -3.92 22.71
CA PRO A 124 4.82 -4.53 22.24
C PRO A 124 4.64 -6.03 22.04
N LEU A 125 5.35 -6.55 21.04
CA LEU A 125 5.51 -7.99 20.83
C LEU A 125 6.95 -8.32 21.18
N ALA A 126 7.16 -8.94 22.35
CA ALA A 126 8.48 -9.23 22.86
C ALA A 126 8.72 -10.73 22.95
N PRO A 127 9.94 -11.20 22.70
CA PRO A 127 10.24 -12.62 22.92
C PRO A 127 10.08 -13.00 24.38
N SER A 128 9.80 -14.28 24.62
CA SER A 128 9.78 -14.81 25.98
C SER A 128 11.20 -15.19 26.39
N GLY A 134 18.37 -20.86 16.99
CA GLY A 134 18.22 -19.71 17.87
C GLY A 134 19.11 -18.56 17.47
N GLY A 135 19.49 -18.53 16.19
CA GLY A 135 20.30 -17.43 15.70
C GLY A 135 19.52 -16.16 15.54
N THR A 136 18.25 -16.24 15.20
CA THR A 136 17.44 -15.08 14.91
C THR A 136 16.32 -14.96 15.94
N ALA A 137 16.03 -13.72 16.32
CA ALA A 137 14.89 -13.39 17.15
C ALA A 137 13.97 -12.45 16.41
N ALA A 138 12.78 -12.26 16.94
CA ALA A 138 11.82 -11.33 16.36
C ALA A 138 11.18 -10.50 17.46
N LEU A 139 10.79 -9.29 17.11
CA LEU A 139 10.00 -8.43 17.96
C LEU A 139 9.05 -7.62 17.07
N GLY A 140 8.15 -6.87 17.69
CA GLY A 140 7.23 -6.08 16.91
C GLY A 140 6.31 -5.27 17.80
N CYS A 141 5.29 -4.68 17.18
N CYS A 141 5.29 -4.71 17.15
CA CYS A 141 4.23 -4.10 17.99
CA CYS A 141 4.21 -4.02 17.85
C CYS A 141 2.89 -4.23 17.28
C CYS A 141 2.88 -4.39 17.23
N LEU A 142 1.87 -4.46 18.09
CA LEU A 142 0.50 -4.68 17.67
C LEU A 142 -0.18 -3.32 17.70
N VAL A 143 -0.88 -2.99 16.62
CA VAL A 143 -1.57 -1.72 16.47
C VAL A 143 -3.04 -2.10 16.33
N LYS A 144 -3.79 -2.00 17.44
CA LYS A 144 -5.06 -2.71 17.58
C LYS A 144 -6.25 -1.76 17.66
N ASP A 145 -7.30 -2.07 16.89
CA ASP A 145 -8.65 -1.52 17.07
C ASP A 145 -8.69 0.00 16.91
N TYR A 146 -8.39 0.44 15.69
CA TYR A 146 -8.44 1.86 15.37
C TYR A 146 -9.41 2.13 14.22
N PHE A 147 -9.80 3.41 14.09
CA PHE A 147 -10.66 3.82 13.00
C PHE A 147 -10.51 5.30 12.79
N PRO A 148 -10.43 5.78 11.54
CA PRO A 148 -10.38 5.06 10.27
C PRO A 148 -8.96 4.73 9.87
N GLU A 149 -8.78 4.19 8.67
CA GLU A 149 -7.47 4.17 8.05
C GLU A 149 -7.02 5.61 7.79
N PRO A 150 -5.71 5.85 7.64
CA PRO A 150 -4.58 4.93 7.73
C PRO A 150 -3.78 5.07 9.00
N VAL A 151 -2.86 4.16 9.26
CA VAL A 151 -1.81 4.36 10.27
C VAL A 151 -0.48 4.21 9.55
N THR A 152 0.53 4.89 10.08
CA THR A 152 1.90 4.70 9.61
C THR A 152 2.71 4.11 10.75
N VAL A 153 3.63 3.21 10.40
CA VAL A 153 4.49 2.56 11.37
C VAL A 153 5.91 2.60 10.83
N SER A 154 6.85 3.00 11.68
CA SER A 154 8.26 2.94 11.37
C SER A 154 8.95 2.43 12.62
N TRP A 155 10.23 2.09 12.47
CA TRP A 155 11.06 1.63 13.57
C TRP A 155 12.25 2.57 13.69
N ASN A 156 12.49 3.06 14.90
CA ASN A 156 13.62 3.96 15.17
C ASN A 156 13.60 5.13 14.20
N SER A 157 12.40 5.71 14.02
CA SER A 157 12.15 6.87 13.16
C SER A 157 12.52 6.62 11.70
N GLY A 158 12.49 5.36 11.27
CA GLY A 158 12.82 5.00 9.92
C GLY A 158 14.26 4.60 9.72
N ALA A 159 15.10 4.68 10.76
CA ALA A 159 16.51 4.34 10.62
C ALA A 159 16.73 2.83 10.58
N LEU A 160 15.75 2.05 11.04
CA LEU A 160 15.80 0.60 11.01
C LEU A 160 14.82 0.11 9.94
N THR A 161 15.36 -0.52 8.89
CA THR A 161 14.48 -1.05 7.85
C THR A 161 14.78 -2.52 7.55
N SER A 162 16.02 -2.96 7.76
CA SER A 162 16.36 -4.35 7.44
C SER A 162 15.59 -5.29 8.36
N GLY A 163 14.93 -6.28 7.78
CA GLY A 163 14.20 -7.25 8.56
C GLY A 163 12.82 -6.81 9.00
N VAL A 164 12.40 -5.61 8.63
CA VAL A 164 11.10 -5.09 9.02
C VAL A 164 10.03 -5.62 8.07
N HIS A 165 8.90 -6.05 8.65
CA HIS A 165 7.71 -6.42 7.90
C HIS A 165 6.52 -5.75 8.57
N THR A 166 5.87 -4.83 7.88
CA THR A 166 4.65 -4.22 8.37
C THR A 166 3.48 -4.83 7.62
N PHE A 167 2.59 -5.49 8.34
CA PHE A 167 1.49 -6.21 7.73
C PHE A 167 0.39 -5.23 7.29
N PRO A 168 -0.38 -5.61 6.28
CA PRO A 168 -1.52 -4.76 5.87
C PRO A 168 -2.52 -4.58 6.99
N ALA A 169 -3.15 -3.42 7.01
CA ALA A 169 -4.30 -3.22 7.88
C ALA A 169 -5.41 -4.18 7.47
N VAL A 170 -6.07 -4.76 8.46
CA VAL A 170 -7.19 -5.65 8.21
C VAL A 170 -8.41 -5.11 8.93
N LEU A 171 -9.51 -4.94 8.18
CA LEU A 171 -10.77 -4.50 8.76
C LEU A 171 -11.44 -5.68 9.43
N GLN A 172 -11.73 -5.56 10.72
N GLN A 172 -11.73 -5.56 10.72
CA GLN A 172 -12.30 -6.65 11.49
CA GLN A 172 -12.32 -6.64 11.49
C GLN A 172 -13.83 -6.63 11.39
C GLN A 172 -13.83 -6.65 11.32
N SER A 173 -14.43 -7.80 11.65
CA SER A 173 -15.86 -7.96 11.47
C SER A 173 -16.64 -6.89 12.23
N SER A 174 -16.14 -6.45 13.37
CA SER A 174 -16.87 -5.49 14.19
C SER A 174 -16.52 -4.04 13.90
N GLY A 175 -15.81 -3.75 12.81
CA GLY A 175 -15.76 -2.40 12.26
C GLY A 175 -14.45 -1.67 12.45
N LEU A 176 -13.53 -2.17 13.26
CA LEU A 176 -12.25 -1.52 13.48
C LEU A 176 -11.13 -2.24 12.74
N TYR A 177 -10.01 -1.52 12.57
CA TYR A 177 -8.84 -2.02 11.89
C TYR A 177 -7.77 -2.42 12.91
N SER A 178 -6.91 -3.35 12.49
CA SER A 178 -5.72 -3.69 13.26
C SER A 178 -4.61 -4.04 12.29
N LEU A 179 -3.38 -3.82 12.72
CA LEU A 179 -2.25 -4.37 11.98
C LEU A 179 -1.13 -4.65 12.96
N SER A 180 -0.04 -5.18 12.45
CA SER A 180 1.15 -5.38 13.26
C SER A 180 2.36 -5.07 12.40
N SER A 181 3.47 -4.77 13.07
CA SER A 181 4.76 -4.64 12.43
C SER A 181 5.76 -5.46 13.24
N VAL A 182 6.62 -6.19 12.54
CA VAL A 182 7.61 -7.05 13.16
C VAL A 182 8.98 -6.74 12.57
N VAL A 183 10.01 -7.11 13.32
CA VAL A 183 11.40 -7.03 12.88
C VAL A 183 12.09 -8.32 13.31
N THR A 184 12.80 -8.95 12.39
CA THR A 184 13.70 -10.03 12.77
C THR A 184 15.10 -9.46 12.97
N VAL A 185 15.77 -9.92 14.00
CA VAL A 185 17.06 -9.37 14.40
C VAL A 185 17.94 -10.52 14.88
N PRO A 186 19.25 -10.33 14.84
CA PRO A 186 20.15 -11.29 15.51
C PRO A 186 19.76 -11.43 16.98
N SER A 187 19.69 -12.68 17.45
CA SER A 187 19.29 -12.89 18.84
C SER A 187 20.21 -12.17 19.81
N SER A 188 21.45 -11.87 19.40
CA SER A 188 22.36 -11.12 20.27
C SER A 188 21.86 -9.69 20.49
N SER A 189 21.11 -9.14 19.55
CA SER A 189 20.62 -7.77 19.65
C SER A 189 19.55 -7.61 20.72
N LEU A 190 19.00 -8.70 21.23
CA LEU A 190 17.95 -8.62 22.23
C LEU A 190 18.48 -8.00 23.52
N GLY A 191 17.70 -7.11 24.11
CA GLY A 191 18.03 -6.52 25.38
C GLY A 191 19.21 -5.58 25.37
N THR A 192 19.86 -5.39 24.24
CA THR A 192 21.00 -4.47 24.13
C THR A 192 20.77 -3.36 23.14
N GLN A 193 20.11 -3.64 22.03
CA GLN A 193 19.81 -2.64 21.01
C GLN A 193 18.47 -1.98 21.28
N THR A 194 18.35 -0.73 20.83
CA THR A 194 17.12 0.03 20.92
C THR A 194 16.19 -0.30 19.78
N TYR A 195 14.93 -0.64 20.11
CA TYR A 195 13.89 -0.89 19.13
C TYR A 195 12.66 -0.11 19.56
N ILE A 196 12.34 0.93 18.81
CA ILE A 196 11.20 1.81 19.08
C ILE A 196 10.30 1.74 17.87
N CYS A 197 9.04 1.37 18.08
N CYS A 197 9.03 1.40 18.09
CA CYS A 197 8.08 1.39 16.98
CA CYS A 197 8.04 1.41 17.04
C CYS A 197 7.29 2.69 17.05
C CYS A 197 7.29 2.73 17.07
N ASN A 198 7.31 3.45 15.96
CA ASN A 198 6.68 4.76 15.87
C ASN A 198 5.35 4.57 15.15
N VAL A 199 4.25 4.81 15.86
CA VAL A 199 2.92 4.69 15.29
C VAL A 199 2.29 6.07 15.24
N ASN A 200 1.73 6.40 14.09
CA ASN A 200 1.04 7.68 13.91
C ASN A 200 -0.32 7.40 13.30
N HIS A 201 -1.38 7.76 14.01
CA HIS A 201 -2.75 7.70 13.51
C HIS A 201 -3.25 9.14 13.46
N LYS A 202 -3.08 9.78 12.31
CA LYS A 202 -3.36 11.21 12.24
C LYS A 202 -4.82 11.57 12.51
N PRO A 203 -5.81 10.79 12.08
CA PRO A 203 -7.20 11.21 12.32
C PRO A 203 -7.56 11.41 13.78
N SER A 204 -6.96 10.64 14.69
CA SER A 204 -7.19 10.80 16.12
C SER A 204 -6.07 11.56 16.81
N ASN A 205 -5.08 12.06 16.06
CA ASN A 205 -3.92 12.74 16.62
C ASN A 205 -3.25 11.87 17.68
N THR A 206 -3.08 10.59 17.34
CA THR A 206 -2.44 9.61 18.21
C THR A 206 -1.06 9.33 17.65
N LYS A 207 -0.02 9.76 18.37
CA LYS A 207 1.35 9.40 18.07
C LYS A 207 1.91 8.63 19.26
N VAL A 208 2.49 7.46 19.00
CA VAL A 208 3.03 6.60 20.03
C VAL A 208 4.43 6.17 19.61
N ASP A 209 5.39 6.27 20.54
CA ASP A 209 6.74 5.75 20.34
C ASP A 209 6.98 4.72 21.44
N LYS A 210 6.82 3.44 21.11
CA LYS A 210 6.85 2.36 22.09
C LYS A 210 8.18 1.63 22.01
N ARG A 211 8.96 1.68 23.09
CA ARG A 211 10.17 0.87 23.15
C ARG A 211 9.79 -0.58 23.38
N VAL A 212 10.36 -1.47 22.57
CA VAL A 212 10.06 -2.91 22.63
C VAL A 212 11.28 -3.59 23.22
N GLU A 213 11.08 -4.26 24.35
CA GLU A 213 12.14 -4.92 25.10
C GLU A 213 11.72 -6.34 25.43
N PRO A 214 12.67 -7.21 25.74
CA PRO A 214 12.30 -8.54 26.26
C PRO A 214 11.57 -8.38 27.58
N LYS A 215 10.64 -9.30 27.84
CA LYS A 215 9.88 -9.26 29.08
C LYS A 215 10.77 -9.49 30.29
N ASP B 1 -16.77 6.74 -22.97
CA ASP B 1 -15.34 6.82 -22.57
C ASP B 1 -14.50 5.77 -23.30
N VAL B 2 -13.19 5.97 -23.33
CA VAL B 2 -12.30 4.99 -23.94
C VAL B 2 -11.99 3.91 -22.90
N VAL B 3 -12.29 2.68 -23.24
CA VAL B 3 -12.05 1.55 -22.35
C VAL B 3 -10.65 1.02 -22.62
N MET B 4 -9.92 0.72 -21.55
CA MET B 4 -8.54 0.25 -21.62
C MET B 4 -8.55 -1.17 -21.10
N THR B 5 -8.31 -2.15 -21.96
CA THR B 5 -8.43 -3.57 -21.61
C THR B 5 -7.04 -4.19 -21.55
N GLN B 6 -6.56 -4.52 -20.35
CA GLN B 6 -5.23 -5.09 -20.19
C GLN B 6 -5.28 -6.61 -20.12
N THR B 7 -4.22 -7.24 -20.62
CA THR B 7 -4.07 -8.69 -20.48
C THR B 7 -2.59 -9.01 -20.31
N PRO B 8 -2.24 -9.97 -19.46
CA PRO B 8 -3.13 -10.75 -18.60
C PRO B 8 -3.52 -9.94 -17.36
N LEU B 9 -4.36 -10.48 -16.49
CA LEU B 9 -4.65 -9.81 -15.23
C LEU B 9 -3.64 -10.16 -14.15
N THR B 10 -3.04 -11.33 -14.25
CA THR B 10 -2.00 -11.76 -13.33
C THR B 10 -0.87 -12.35 -14.15
N LEU B 11 0.36 -12.04 -13.75
CA LEU B 11 1.55 -12.47 -14.45
C LEU B 11 2.48 -13.13 -13.43
N SER B 12 2.61 -14.45 -13.52
CA SER B 12 3.48 -15.21 -12.63
C SER B 12 4.70 -15.64 -13.41
N VAL B 13 5.88 -15.24 -12.92
CA VAL B 13 7.11 -15.33 -13.71
C VAL B 13 8.27 -15.58 -12.76
N THR B 14 9.26 -16.32 -13.26
CA THR B 14 10.46 -16.62 -12.50
C THR B 14 11.52 -15.56 -12.76
N ILE B 15 12.30 -15.26 -11.72
CA ILE B 15 13.35 -14.25 -11.85
C ILE B 15 14.23 -14.57 -13.05
N GLY B 16 14.64 -13.52 -13.77
CA GLY B 16 15.51 -13.68 -14.91
C GLY B 16 14.84 -14.09 -16.20
N GLN B 17 13.51 -14.07 -16.24
CA GLN B 17 12.72 -14.56 -17.36
C GLN B 17 11.94 -13.40 -17.99
N PRO B 18 11.67 -13.45 -19.29
CA PRO B 18 10.96 -12.34 -19.92
C PRO B 18 9.45 -12.38 -19.67
N ALA B 19 8.85 -11.20 -19.76
CA ALA B 19 7.42 -11.05 -19.51
C ALA B 19 6.89 -9.87 -20.31
N SER B 20 5.57 -9.87 -20.52
CA SER B 20 4.95 -8.82 -21.32
C SER B 20 3.51 -8.62 -20.89
N ILE B 21 3.03 -7.40 -21.06
CA ILE B 21 1.66 -7.01 -20.75
C ILE B 21 1.11 -6.24 -21.95
N SER B 22 -0.10 -6.57 -22.36
CA SER B 22 -0.73 -5.88 -23.49
C SER B 22 -1.91 -5.04 -23.00
N CYS B 23 -2.20 -4.02 -23.79
CA CYS B 23 -3.25 -3.05 -23.50
C CYS B 23 -3.97 -2.76 -24.81
N LYS B 24 -5.30 -2.81 -24.76
CA LYS B 24 -6.16 -2.54 -25.90
C LYS B 24 -7.07 -1.36 -25.54
N SER B 25 -7.06 -0.34 -26.38
CA SER B 25 -7.98 0.77 -26.21
C SER B 25 -9.15 0.64 -27.17
N SER B 26 -10.31 1.15 -26.75
CA SER B 26 -11.51 1.05 -27.57
C SER B 26 -11.55 2.08 -28.68
N GLN B 27 -10.65 3.06 -28.67
CA GLN B 27 -10.47 4.04 -29.73
C GLN B 27 -8.99 4.21 -29.96
N SER B 28 -8.61 4.54 -31.21
CA SER B 28 -7.19 4.78 -31.46
C SER B 28 -6.69 5.89 -30.56
N LEU B 29 -5.49 5.69 -30.00
CA LEU B 29 -4.87 6.69 -29.16
C LEU B 29 -3.99 7.66 -29.94
N LEU B 30 -3.93 7.54 -31.26
CA LEU B 30 -3.22 8.52 -32.07
C LEU B 30 -3.99 9.84 -32.07
N ASP B 31 -3.36 10.88 -31.53
CA ASP B 31 -3.96 12.20 -31.43
C ASP B 31 -3.81 12.95 -32.75
N SER B 32 -4.66 13.97 -32.92
CA SER B 32 -4.59 14.82 -34.11
C SER B 32 -3.25 15.55 -34.22
N ASP B 33 -2.52 15.70 -33.11
CA ASP B 33 -1.24 16.38 -33.13
C ASP B 33 -0.07 15.42 -33.39
N GLY B 34 -0.36 14.17 -33.72
CA GLY B 34 0.66 13.23 -34.12
C GLY B 34 1.22 12.38 -33.02
N LYS B 35 0.98 12.74 -31.77
CA LYS B 35 1.46 11.97 -30.64
C LYS B 35 0.42 10.95 -30.19
N THR B 36 0.90 9.89 -29.56
CA THR B 36 0.07 8.82 -29.01
C THR B 36 0.26 8.82 -27.50
N TYR B 37 -0.75 9.32 -26.78
CA TYR B 37 -0.61 9.63 -25.35
C TYR B 37 -0.93 8.39 -24.51
N LEU B 38 -0.07 7.40 -24.66
CA LEU B 38 -0.17 6.12 -23.97
C LEU B 38 1.02 6.00 -23.03
N ILE B 39 0.74 5.70 -21.76
CA ILE B 39 1.79 5.55 -20.76
C ILE B 39 1.59 4.22 -20.02
N TRP B 40 2.65 3.80 -19.34
CA TRP B 40 2.64 2.65 -18.44
C TRP B 40 3.10 3.09 -17.07
N LEU B 41 2.39 2.65 -16.03
CA LEU B 41 2.67 2.97 -14.63
C LEU B 41 2.87 1.70 -13.85
N LEU B 42 3.64 1.81 -12.76
CA LEU B 42 3.84 0.71 -11.82
C LEU B 42 3.51 1.20 -10.43
N GLN B 43 2.68 0.43 -9.71
CA GLN B 43 2.34 0.75 -8.32
C GLN B 43 2.71 -0.43 -7.43
N ARG B 44 3.62 -0.19 -6.50
CA ARG B 44 3.94 -1.13 -5.43
C ARG B 44 2.98 -0.95 -4.27
N PRO B 45 2.97 -1.85 -3.28
CA PRO B 45 1.85 -1.85 -2.34
C PRO B 45 1.98 -0.70 -1.35
N GLY B 46 0.85 -0.04 -1.09
CA GLY B 46 0.87 1.11 -0.21
C GLY B 46 1.72 2.25 -0.70
N GLN B 47 2.09 2.25 -1.98
CA GLN B 47 2.84 3.34 -2.56
C GLN B 47 2.07 3.94 -3.74
N SER B 48 2.52 5.12 -4.17
CA SER B 48 1.87 5.77 -5.29
C SER B 48 2.34 5.17 -6.61
N PRO B 49 1.52 5.27 -7.64
CA PRO B 49 1.98 4.86 -8.97
C PRO B 49 3.20 5.67 -9.39
N LYS B 50 4.01 5.05 -10.24
CA LYS B 50 5.19 5.69 -10.80
C LYS B 50 5.18 5.45 -12.30
N ARG B 51 5.44 6.48 -13.08
CA ARG B 51 5.43 6.30 -14.53
C ARG B 51 6.73 5.66 -14.99
N LEU B 52 6.60 4.67 -15.87
CA LEU B 52 7.75 3.96 -16.44
C LEU B 52 7.99 4.29 -17.89
N ILE B 53 6.94 4.34 -18.69
CA ILE B 53 7.03 4.54 -20.12
C ILE B 53 5.98 5.56 -20.52
N TYR B 54 6.33 6.44 -21.46
CA TYR B 54 5.40 7.44 -21.93
C TYR B 54 5.54 7.57 -23.43
N LEU B 55 4.47 8.07 -24.06
CA LEU B 55 4.39 8.16 -25.52
C LEU B 55 4.77 6.82 -26.15
N VAL B 56 4.14 5.77 -25.63
CA VAL B 56 4.23 4.40 -26.14
C VAL B 56 5.56 3.74 -25.78
N SER B 57 6.68 4.39 -26.10
CA SER B 57 7.97 3.71 -26.10
C SER B 57 9.10 4.45 -25.39
N LYS B 58 8.86 5.63 -24.85
CA LYS B 58 9.93 6.40 -24.21
C LYS B 58 10.05 6.04 -22.73
N LEU B 59 11.28 5.83 -22.27
CA LEU B 59 11.53 5.44 -20.90
C LEU B 59 11.73 6.67 -20.02
N ASP B 60 11.05 6.69 -18.88
CA ASP B 60 11.28 7.75 -17.91
C ASP B 60 12.67 7.63 -17.29
N SER B 61 13.14 8.73 -16.70
CA SER B 61 14.45 8.75 -16.08
C SER B 61 14.56 7.69 -14.99
N GLY B 62 15.70 7.01 -14.95
CA GLY B 62 15.97 6.03 -13.93
C GLY B 62 15.30 4.69 -14.14
N VAL B 63 14.50 4.52 -15.18
CA VAL B 63 13.83 3.24 -15.42
C VAL B 63 14.82 2.29 -16.07
N PRO B 64 14.98 1.06 -15.56
CA PRO B 64 15.97 0.15 -16.14
C PRO B 64 15.72 -0.15 -17.61
N ASP B 65 16.83 -0.36 -18.33
CA ASP B 65 16.78 -0.67 -19.76
C ASP B 65 16.01 -1.94 -20.08
N ARG B 66 15.71 -2.77 -19.08
CA ARG B 66 14.96 -4.00 -19.32
C ARG B 66 13.52 -3.73 -19.73
N PHE B 67 13.04 -2.51 -19.57
CA PHE B 67 11.67 -2.12 -19.88
C PHE B 67 11.62 -1.50 -21.27
N THR B 68 10.70 -1.99 -22.11
CA THR B 68 10.45 -1.37 -23.40
C THR B 68 8.94 -1.32 -23.63
N GLY B 69 8.53 -0.34 -24.43
CA GLY B 69 7.14 -0.24 -24.83
C GLY B 69 7.04 -0.15 -26.34
N SER B 70 5.95 -0.69 -26.86
CA SER B 70 5.73 -0.71 -28.30
C SER B 70 4.23 -0.69 -28.55
N GLY B 71 3.87 -0.50 -29.82
CA GLY B 71 2.49 -0.55 -30.25
C GLY B 71 2.07 0.73 -30.96
N SER B 72 0.84 0.69 -31.48
CA SER B 72 0.26 1.81 -32.19
C SER B 72 -1.24 1.57 -32.28
N GLY B 73 -1.96 2.62 -32.66
CA GLY B 73 -3.40 2.50 -32.85
C GLY B 73 -4.13 2.17 -31.57
N THR B 74 -4.64 0.95 -31.47
CA THR B 74 -5.36 0.51 -30.28
C THR B 74 -4.61 -0.54 -29.48
N ASP B 75 -3.44 -1.00 -29.92
CA ASP B 75 -2.81 -2.17 -29.29
C ASP B 75 -1.38 -1.89 -28.89
N PHE B 76 -1.07 -2.10 -27.61
CA PHE B 76 0.21 -1.71 -27.04
C PHE B 76 0.74 -2.80 -26.12
N THR B 77 2.06 -2.83 -25.97
CA THR B 77 2.72 -3.85 -25.17
C THR B 77 3.81 -3.21 -24.31
N LEU B 78 3.84 -3.61 -23.04
CA LEU B 78 4.96 -3.39 -22.15
C LEU B 78 5.74 -4.69 -22.07
N LYS B 79 7.05 -4.63 -22.34
CA LYS B 79 7.90 -5.81 -22.28
C LYS B 79 8.99 -5.62 -21.24
N ILE B 80 9.27 -6.67 -20.48
CA ILE B 80 10.40 -6.72 -19.56
C ILE B 80 11.30 -7.84 -20.04
N SER B 81 12.55 -7.51 -20.39
CA SER B 81 13.45 -8.53 -20.94
C SER B 81 13.84 -9.56 -19.89
N ARG B 82 14.03 -9.12 -18.65
CA ARG B 82 14.27 -10.04 -17.54
C ARG B 82 13.63 -9.43 -16.30
N VAL B 83 12.76 -10.19 -15.64
CA VAL B 83 12.13 -9.70 -14.42
C VAL B 83 13.11 -9.86 -13.26
N GLU B 84 13.32 -8.78 -12.52
CA GLU B 84 14.05 -8.81 -11.26
C GLU B 84 13.05 -8.81 -10.11
N ALA B 85 13.57 -9.07 -8.91
CA ALA B 85 12.69 -9.17 -7.74
C ALA B 85 11.94 -7.88 -7.50
N GLU B 86 12.55 -6.73 -7.82
CA GLU B 86 11.98 -5.42 -7.52
C GLU B 86 10.99 -4.95 -8.57
N ASP B 87 10.67 -5.76 -9.57
CA ASP B 87 9.68 -5.39 -10.58
C ASP B 87 8.26 -5.73 -10.15
N LEU B 88 8.08 -6.33 -8.98
CA LEU B 88 6.76 -6.76 -8.58
C LEU B 88 5.86 -5.57 -8.29
N GLY B 89 4.57 -5.75 -8.51
CA GLY B 89 3.60 -4.71 -8.30
C GLY B 89 2.50 -4.82 -9.33
N VAL B 90 1.71 -3.76 -9.44
CA VAL B 90 0.60 -3.70 -10.39
C VAL B 90 0.95 -2.70 -11.48
N TYR B 91 0.89 -3.14 -12.74
CA TYR B 91 1.16 -2.32 -13.90
C TYR B 91 -0.16 -1.87 -14.53
N TYR B 92 -0.23 -0.58 -14.87
CA TYR B 92 -1.40 0.01 -15.51
C TYR B 92 -1.00 0.66 -16.81
N CYS B 93 -1.79 0.46 -17.86
CA CYS B 93 -1.74 1.37 -18.99
C CYS B 93 -2.73 2.50 -18.75
N CYS B 94 -2.48 3.64 -19.40
CA CYS B 94 -3.29 4.82 -19.19
C CYS B 94 -3.22 5.63 -20.47
N GLN B 95 -4.36 6.19 -20.88
CA GLN B 95 -4.40 7.01 -22.09
C GLN B 95 -4.82 8.44 -21.76
N GLY B 96 -4.15 9.40 -22.40
CA GLY B 96 -4.48 10.81 -22.23
C GLY B 96 -4.80 11.48 -23.56
N THR B 97 -5.23 10.69 -24.53
CA THR B 97 -5.62 11.25 -25.84
C THR B 97 -7.06 11.73 -25.82
N HIS B 98 -7.96 10.95 -25.24
CA HIS B 98 -9.39 11.24 -25.22
C HIS B 98 -9.88 11.53 -23.81
N PHE B 99 -10.77 12.50 -23.71
CA PHE B 99 -11.40 12.87 -22.44
C PHE B 99 -12.66 12.04 -22.22
N PRO B 100 -12.85 11.46 -21.04
CA PRO B 100 -11.96 11.49 -19.85
C PRO B 100 -10.76 10.58 -20.02
N PHE B 101 -9.59 10.96 -19.49
CA PHE B 101 -8.46 10.05 -19.45
C PHE B 101 -8.86 8.81 -18.67
N THR B 102 -8.34 7.65 -19.07
CA THR B 102 -8.77 6.38 -18.48
C THR B 102 -7.57 5.48 -18.29
N PHE B 103 -7.72 4.55 -17.34
CA PHE B 103 -6.71 3.58 -16.96
C PHE B 103 -7.21 2.18 -17.23
N GLY B 104 -6.29 1.26 -17.50
CA GLY B 104 -6.61 -0.15 -17.45
C GLY B 104 -6.83 -0.63 -16.02
N VAL B 105 -7.31 -1.87 -15.90
CA VAL B 105 -7.66 -2.41 -14.59
C VAL B 105 -6.44 -2.80 -13.77
N GLY B 106 -5.30 -2.97 -14.39
CA GLY B 106 -4.07 -3.33 -13.70
C GLY B 106 -3.72 -4.78 -13.92
N THR B 107 -2.42 -5.06 -14.02
CA THR B 107 -1.88 -6.40 -14.12
C THR B 107 -0.92 -6.61 -12.97
N LYS B 108 -1.19 -7.60 -12.11
CA LYS B 108 -0.33 -7.87 -10.98
C LYS B 108 0.80 -8.79 -11.44
N LEU B 109 2.04 -8.33 -11.24
CA LEU B 109 3.22 -9.15 -11.53
C LEU B 109 3.71 -9.77 -10.24
N GLU B 110 3.63 -11.09 -10.15
CA GLU B 110 4.15 -11.81 -9.00
C GLU B 110 5.27 -12.73 -9.46
N LEU B 111 6.16 -13.04 -8.54
CA LEU B 111 7.41 -13.71 -8.86
C LEU B 111 7.40 -15.13 -8.30
N LYS B 112 7.90 -16.06 -9.09
CA LYS B 112 8.08 -17.44 -8.67
C LYS B 112 9.50 -17.60 -8.14
N ARG B 113 9.65 -18.52 -7.18
CA ARG B 113 10.96 -18.79 -6.60
C ARG B 113 10.91 -20.17 -5.96
N THR B 114 12.04 -20.57 -5.39
CA THR B 114 12.13 -21.90 -4.79
C THR B 114 11.43 -21.91 -3.43
N VAL B 115 11.07 -23.12 -3.01
CA VAL B 115 10.38 -23.30 -1.74
C VAL B 115 11.28 -22.86 -0.60
N ALA B 116 10.73 -22.07 0.32
CA ALA B 116 11.44 -21.63 1.52
C ALA B 116 10.55 -21.87 2.73
N ALA B 117 11.03 -22.67 3.67
CA ALA B 117 10.28 -22.97 4.87
C ALA B 117 10.29 -21.76 5.81
N PRO B 118 9.21 -21.55 6.56
CA PRO B 118 9.15 -20.38 7.44
C PRO B 118 9.95 -20.56 8.72
N SER B 119 10.56 -19.45 9.14
CA SER B 119 11.02 -19.33 10.52
C SER B 119 9.85 -18.89 11.38
N VAL B 120 9.74 -19.49 12.57
CA VAL B 120 8.55 -19.33 13.40
C VAL B 120 8.94 -18.71 14.73
N PHE B 121 8.11 -17.77 15.19
CA PHE B 121 8.31 -17.05 16.43
C PHE B 121 6.96 -16.89 17.12
N ILE B 122 6.94 -17.06 18.43
CA ILE B 122 5.71 -16.92 19.21
C ILE B 122 5.89 -15.76 20.19
N PHE B 123 4.83 -14.99 20.38
CA PHE B 123 4.86 -13.86 21.28
C PHE B 123 3.72 -14.01 22.30
N PRO B 124 4.01 -13.89 23.58
CA PRO B 124 2.93 -13.84 24.56
C PRO B 124 2.28 -12.46 24.59
N PRO B 125 1.10 -12.32 25.18
CA PRO B 125 0.50 -11.00 25.32
C PRO B 125 1.35 -10.11 26.22
N SER B 126 1.44 -8.84 25.85
CA SER B 126 2.17 -7.89 26.67
C SER B 126 1.44 -7.64 27.99
N ASP B 127 2.23 -7.38 29.04
CA ASP B 127 1.62 -7.00 30.31
C ASP B 127 0.77 -5.75 30.15
N GLU B 128 1.12 -4.89 29.19
CA GLU B 128 0.30 -3.71 28.93
C GLU B 128 -1.08 -4.08 28.43
N GLN B 129 -1.16 -5.02 27.49
CA GLN B 129 -2.47 -5.41 26.97
C GLN B 129 -3.29 -6.10 28.06
N LEU B 130 -2.66 -7.02 28.80
CA LEU B 130 -3.36 -7.70 29.88
C LEU B 130 -3.85 -6.69 30.92
N LYS B 131 -2.99 -5.75 31.32
CA LYS B 131 -3.42 -4.70 32.24
C LYS B 131 -4.58 -3.91 31.66
N SER B 132 -4.74 -3.91 30.34
CA SER B 132 -5.83 -3.17 29.70
C SER B 132 -7.09 -3.99 29.53
N GLY B 133 -7.04 -5.31 29.77
CA GLY B 133 -8.25 -6.11 29.88
C GLY B 133 -8.48 -7.17 28.82
N THR B 134 -7.55 -7.40 27.91
CA THR B 134 -7.71 -8.45 26.91
C THR B 134 -6.34 -9.05 26.61
N ALA B 135 -6.32 -10.05 25.72
CA ALA B 135 -5.11 -10.84 25.48
C ALA B 135 -5.04 -11.29 24.03
N SER B 136 -3.88 -11.06 23.41
CA SER B 136 -3.61 -11.51 22.04
C SER B 136 -2.30 -12.28 22.04
N VAL B 137 -2.34 -13.55 21.64
CA VAL B 137 -1.14 -14.37 21.48
C VAL B 137 -0.81 -14.42 20.00
N VAL B 138 0.44 -14.13 19.63
CA VAL B 138 0.79 -13.93 18.23
C VAL B 138 1.90 -14.90 17.83
N CYS B 139 1.75 -15.47 16.64
CA CYS B 139 2.71 -16.36 16.02
C CYS B 139 3.12 -15.76 14.69
N LEU B 140 4.42 -15.68 14.43
CA LEU B 140 4.95 -15.12 13.20
C LEU B 140 5.60 -16.22 12.38
N LEU B 141 5.24 -16.30 11.09
CA LEU B 141 5.93 -17.13 10.12
C LEU B 141 6.65 -16.20 9.16
N ASN B 142 7.98 -16.28 9.12
CA ASN B 142 8.77 -15.27 8.41
C ASN B 142 9.47 -15.85 7.20
N ASN B 143 9.40 -15.09 6.10
CA ASN B 143 10.20 -15.30 4.90
C ASN B 143 10.06 -16.74 4.38
N PHE B 144 8.86 -17.03 3.90
CA PHE B 144 8.59 -18.35 3.34
C PHE B 144 7.94 -18.21 1.97
N TYR B 145 7.92 -19.33 1.26
CA TYR B 145 7.36 -19.42 -0.08
C TYR B 145 7.09 -20.89 -0.34
N PRO B 146 5.94 -21.25 -0.92
CA PRO B 146 4.83 -20.38 -1.35
C PRO B 146 3.98 -19.87 -0.20
N ARG B 147 2.98 -19.07 -0.57
CA ARG B 147 2.16 -18.34 0.39
C ARG B 147 1.35 -19.26 1.29
N GLU B 148 1.07 -20.48 0.86
CA GLU B 148 0.17 -21.36 1.59
C GLU B 148 0.88 -22.01 2.78
N ALA B 149 0.25 -21.96 3.94
CA ALA B 149 0.76 -22.59 5.16
C ALA B 149 -0.41 -22.92 6.06
N LYS B 150 -0.17 -23.77 7.05
CA LYS B 150 -1.17 -24.09 8.07
C LYS B 150 -0.60 -23.71 9.43
N VAL B 151 -1.40 -23.02 10.23
CA VAL B 151 -1.04 -22.61 11.57
C VAL B 151 -2.14 -23.08 12.51
N GLN B 152 -1.78 -23.89 13.50
CA GLN B 152 -2.72 -24.40 14.49
C GLN B 152 -2.24 -24.02 15.88
N TRP B 153 -3.18 -23.56 16.71
CA TRP B 153 -2.90 -23.15 18.07
C TRP B 153 -3.29 -24.24 19.06
N LYS B 154 -2.51 -24.36 20.14
CA LYS B 154 -2.83 -25.27 21.23
C LYS B 154 -2.64 -24.56 22.57
N VAL B 155 -3.61 -24.76 23.46
CA VAL B 155 -3.63 -24.12 24.78
C VAL B 155 -3.78 -25.24 25.81
N ASP B 156 -2.78 -25.38 26.68
CA ASP B 156 -2.68 -26.53 27.59
C ASP B 156 -3.03 -27.82 26.85
N ASN B 157 -2.46 -27.96 25.65
CA ASN B 157 -2.64 -29.12 24.78
C ASN B 157 -4.06 -29.23 24.22
N ALA B 158 -4.86 -28.18 24.32
CA ALA B 158 -6.18 -28.14 23.70
C ALA B 158 -6.05 -27.45 22.35
N LEU B 159 -6.26 -28.21 21.28
CA LEU B 159 -6.25 -27.64 19.93
C LEU B 159 -7.37 -26.61 19.80
N GLN B 160 -7.02 -25.43 19.31
CA GLN B 160 -7.98 -24.33 19.26
C GLN B 160 -8.75 -24.33 17.94
N SER B 161 -9.86 -23.61 17.94
CA SER B 161 -10.76 -23.56 16.79
C SER B 161 -11.55 -22.26 16.87
N GLY B 162 -11.64 -21.55 15.74
CA GLY B 162 -12.52 -20.40 15.64
C GLY B 162 -12.11 -19.19 16.43
N ASN B 163 -10.86 -19.13 16.90
CA ASN B 163 -10.43 -18.00 17.71
C ASN B 163 -9.06 -17.47 17.28
N SER B 164 -8.66 -17.71 16.04
CA SER B 164 -7.44 -17.15 15.49
C SER B 164 -7.76 -16.49 14.15
N GLN B 165 -6.88 -15.57 13.76
CA GLN B 165 -6.97 -14.89 12.48
C GLN B 165 -5.56 -14.71 11.95
N GLU B 166 -5.37 -14.98 10.66
CA GLU B 166 -4.07 -14.81 10.02
C GLU B 166 -4.11 -13.62 9.07
N SER B 167 -2.94 -13.01 8.89
CA SER B 167 -2.73 -11.92 7.94
C SER B 167 -1.41 -12.16 7.22
N VAL B 168 -1.36 -11.83 5.93
CA VAL B 168 -0.22 -12.12 5.09
C VAL B 168 0.33 -10.81 4.53
N THR B 169 1.65 -10.69 4.47
CA THR B 169 2.25 -9.53 3.85
C THR B 169 2.15 -9.64 2.33
N GLU B 170 2.44 -8.52 1.68
CA GLU B 170 2.71 -8.56 0.25
C GLU B 170 4.04 -9.27 0.00
N GLN B 171 4.25 -9.67 -1.25
CA GLN B 171 5.49 -10.32 -1.61
C GLN B 171 6.68 -9.38 -1.45
N ASP B 172 7.77 -9.92 -0.90
CA ASP B 172 8.94 -9.10 -0.61
C ASP B 172 9.67 -8.72 -1.89
N SER B 173 10.02 -7.44 -2.00
CA SER B 173 10.63 -6.91 -3.22
C SER B 173 12.10 -7.30 -3.39
N LYS B 174 12.69 -7.95 -2.40
CA LYS B 174 14.10 -8.36 -2.47
C LYS B 174 14.26 -9.86 -2.65
N ASP B 175 13.56 -10.67 -1.85
CA ASP B 175 13.69 -12.12 -1.93
C ASP B 175 12.40 -12.84 -2.32
N SER B 176 11.32 -12.11 -2.62
CA SER B 176 10.10 -12.67 -3.19
C SER B 176 9.37 -13.62 -2.23
N THR B 177 9.65 -13.54 -0.93
CA THR B 177 8.97 -14.37 0.04
C THR B 177 7.77 -13.64 0.63
N TYR B 178 7.05 -14.33 1.49
CA TYR B 178 5.94 -13.78 2.26
C TYR B 178 6.19 -13.96 3.74
N SER B 179 5.46 -13.20 4.55
CA SER B 179 5.44 -13.41 5.99
C SER B 179 3.98 -13.44 6.42
N LEU B 180 3.73 -14.10 7.55
CA LEU B 180 2.37 -14.30 8.00
C LEU B 180 2.30 -14.17 9.51
N SER B 181 1.24 -13.52 9.99
CA SER B 181 0.99 -13.36 11.42
C SER B 181 -0.32 -14.05 11.75
N SER B 182 -0.32 -14.84 12.81
CA SER B 182 -1.53 -15.47 13.34
C SER B 182 -1.75 -14.95 14.75
N THR B 183 -2.96 -14.43 15.00
CA THR B 183 -3.32 -13.88 16.31
C THR B 183 -4.41 -14.74 16.92
N LEU B 184 -4.09 -15.38 18.03
CA LEU B 184 -5.08 -16.08 18.85
C LEU B 184 -5.62 -15.08 19.87
N THR B 185 -6.93 -14.92 19.91
CA THR B 185 -7.59 -13.97 20.79
C THR B 185 -8.32 -14.73 21.89
N LEU B 186 -7.93 -14.46 23.15
CA LEU B 186 -8.65 -14.94 24.31
C LEU B 186 -8.96 -13.76 25.22
N SER B 187 -10.00 -13.91 26.04
CA SER B 187 -10.21 -12.96 27.12
C SER B 187 -9.05 -13.06 28.10
N LYS B 188 -8.85 -11.98 28.86
CA LYS B 188 -7.83 -12.00 29.90
C LYS B 188 -8.04 -13.17 30.87
N ALA B 189 -9.29 -13.41 31.25
CA ALA B 189 -9.57 -14.49 32.20
C ALA B 189 -9.24 -15.85 31.62
N ASP B 190 -9.61 -16.09 30.35
CA ASP B 190 -9.28 -17.35 29.72
C ASP B 190 -7.77 -17.53 29.60
N TYR B 191 -7.06 -16.43 29.30
CA TYR B 191 -5.60 -16.52 29.18
C TYR B 191 -4.97 -16.89 30.52
N GLU B 192 -5.28 -16.14 31.58
CA GLU B 192 -4.72 -16.45 32.89
C GLU B 192 -5.21 -17.79 33.43
N LYS B 193 -6.30 -18.33 32.87
CA LYS B 193 -6.79 -19.63 33.30
C LYS B 193 -5.94 -20.79 32.81
N HIS B 194 -5.00 -20.54 31.90
CA HIS B 194 -4.22 -21.61 31.29
C HIS B 194 -2.73 -21.29 31.35
N LYS B 195 -1.93 -22.26 30.89
CA LYS B 195 -0.50 -22.30 31.17
C LYS B 195 0.33 -22.35 29.90
N VAL B 196 0.10 -23.32 29.03
CA VAL B 196 0.97 -23.59 27.89
C VAL B 196 0.30 -23.11 26.62
N TYR B 197 0.98 -22.25 25.87
CA TYR B 197 0.51 -21.73 24.60
C TYR B 197 1.53 -22.06 23.52
N ALA B 198 1.07 -22.67 22.43
CA ALA B 198 1.96 -23.14 21.38
C ALA B 198 1.31 -22.96 20.02
N CYS B 199 2.12 -22.63 19.01
N CYS B 199 2.17 -22.76 19.02
CA CYS B 199 1.64 -22.56 17.63
CA CYS B 199 1.80 -22.53 17.62
C CYS B 199 2.42 -23.56 16.80
C CYS B 199 2.48 -23.60 16.79
N GLU B 200 1.69 -24.43 16.12
CA GLU B 200 2.23 -25.51 15.28
C GLU B 200 2.09 -25.12 13.81
N VAL B 201 3.19 -25.21 13.07
CA VAL B 201 3.26 -24.70 11.71
C VAL B 201 3.58 -25.84 10.76
N THR B 202 2.74 -26.03 9.76
CA THR B 202 2.97 -26.95 8.66
C THR B 202 3.19 -26.14 7.38
N HIS B 203 4.20 -26.51 6.62
CA HIS B 203 4.48 -25.81 5.36
C HIS B 203 5.16 -26.79 4.41
N GLN B 204 5.02 -26.51 3.11
CA GLN B 204 5.51 -27.45 2.10
C GLN B 204 7.02 -27.64 2.22
N GLY B 205 7.75 -26.64 2.73
CA GLY B 205 9.19 -26.74 2.89
C GLY B 205 9.65 -27.42 4.15
N LEU B 206 8.74 -27.77 5.05
CA LEU B 206 9.06 -28.46 6.29
C LEU B 206 8.75 -29.94 6.13
N SER B 207 9.75 -30.79 6.37
CA SER B 207 9.51 -32.23 6.37
C SER B 207 8.55 -32.61 7.49
N SER B 208 8.62 -31.91 8.61
CA SER B 208 7.81 -32.17 9.79
C SER B 208 7.36 -30.84 10.37
N PRO B 209 6.16 -30.78 10.93
CA PRO B 209 5.66 -29.48 11.42
C PRO B 209 6.50 -28.95 12.57
N VAL B 210 6.50 -27.63 12.71
CA VAL B 210 7.36 -26.93 13.66
C VAL B 210 6.48 -26.27 14.71
N THR B 211 6.84 -26.47 15.98
CA THR B 211 6.08 -25.94 17.10
C THR B 211 6.94 -24.97 17.90
N LYS B 212 6.38 -23.81 18.22
CA LYS B 212 6.99 -22.85 19.13
C LYS B 212 5.99 -22.59 20.26
N SER B 213 6.49 -22.50 21.49
CA SER B 213 5.60 -22.45 22.63
C SER B 213 6.22 -21.68 23.78
N PHE B 214 5.36 -21.29 24.71
CA PHE B 214 5.77 -20.69 25.98
C PHE B 214 4.79 -21.11 27.05
N ASN B 215 5.28 -21.14 28.29
CA ASN B 215 4.44 -21.39 29.46
C ASN B 215 4.15 -20.05 30.11
N ARG B 216 2.86 -19.71 30.23
CA ARG B 216 2.45 -18.48 30.91
C ARG B 216 3.11 -18.42 32.30
N PHE C 4 13.12 21.03 -16.05
CA PHE C 4 12.72 21.66 -17.29
C PHE C 4 11.20 21.69 -17.44
N THR C 5 10.66 22.86 -17.80
CA THR C 5 9.26 23.02 -18.18
C THR C 5 9.19 23.94 -19.39
N ASN C 6 7.99 24.10 -19.93
CA ASN C 6 7.76 24.95 -21.08
C ASN C 6 6.58 25.85 -20.77
N LYS C 7 6.79 27.17 -20.86
CA LYS C 7 5.71 28.10 -20.56
C LYS C 7 4.57 27.99 -21.54
N LEU C 8 4.84 27.55 -22.78
CA LEU C 8 3.78 27.34 -23.76
C LEU C 8 2.81 26.29 -23.27
N LYS C 9 1.52 26.66 -23.18
CA LYS C 9 0.49 25.71 -22.79
C LYS C 9 0.19 24.79 -23.95
N GLU C 10 0.26 23.49 -23.70
CA GLU C 10 0.00 22.47 -24.70
C GLU C 10 -0.98 21.46 -24.12
N LYS C 11 -1.53 20.61 -24.99
CA LYS C 11 -2.50 19.63 -24.52
C LYS C 11 -1.94 18.78 -23.38
N HIS C 12 -0.70 18.30 -23.52
CA HIS C 12 0.01 17.68 -22.40
C HIS C 12 1.35 18.37 -22.23
N THR C 13 1.71 18.61 -20.97
CA THR C 13 2.92 19.33 -20.62
C THR C 13 4.02 18.37 -20.21
N ASP C 14 5.26 18.88 -20.26
CA ASP C 14 6.45 18.19 -19.77
C ASP C 14 6.74 16.89 -20.53
N LEU C 15 6.53 16.92 -21.84
CA LEU C 15 6.87 15.80 -22.70
C LEU C 15 8.12 16.04 -23.53
N GLY C 16 8.62 17.27 -23.59
CA GLY C 16 9.80 17.58 -24.37
C GLY C 16 11.09 17.09 -23.72
S SO4 D . -9.57 7.47 21.68
O1 SO4 D . -9.26 7.85 20.31
O2 SO4 D . -9.73 8.69 22.48
O3 SO4 D . -10.80 6.70 21.72
O4 SO4 D . -8.47 6.68 22.22
S SO4 E . -14.94 20.36 -19.18
O1 SO4 E . -16.22 19.79 -19.57
O2 SO4 E . -14.54 19.79 -17.90
O3 SO4 E . -13.93 20.06 -20.20
O4 SO4 E . -15.06 21.81 -19.03
C1 EDO F . -17.43 22.72 -10.57
O1 EDO F . -17.96 22.40 -9.28
C2 EDO F . -16.57 21.57 -11.07
O2 EDO F . -17.38 20.50 -11.55
S SO4 G . 10.65 25.65 -5.54
O1 SO4 G . 9.31 25.08 -5.47
O2 SO4 G . 11.52 24.97 -4.59
O3 SO4 G . 11.17 25.50 -6.89
O4 SO4 G . 10.57 27.07 -5.20
CL CL H . -0.31 19.87 1.13
S SO4 I . 14.28 -15.11 9.56
O1 SO4 I . 12.88 -15.50 9.57
O2 SO4 I . 15.01 -15.89 10.55
O3 SO4 I . 14.83 -15.34 8.23
O4 SO4 I . 14.38 -13.69 9.90
CL CL J . 7.79 3.07 -5.97
#